data_2OU6
#
_entry.id   2OU6
#
_cell.length_a   57.933
_cell.length_b   57.933
_cell.length_c   250.773
_cell.angle_alpha   90.000
_cell.angle_beta   90.000
_cell.angle_gamma   120.000
#
_symmetry.space_group_name_H-M   'P 65 2 2'
#
loop_
_entity.id
_entity.type
_entity.pdbx_description
1 polymer 'Hypothetical protein'
2 non-polymer 'NICKEL (II) ION'
3 non-polymer 'SULFATE ION'
4 non-polymer GLYCEROL
5 water water
#
_entity_poly.entity_id   1
_entity_poly.type   'polypeptide(L)'
_entity_poly.pdbx_seq_one_letter_code
;G(MSE)PTFNPELHAQTLNSERAYFVQPDADPAFTPHIGALVE(MSE)LTYARLTTLQAVEGLPEDQLWATAPGFANSIG
TLLAHIAAVERVYHVLSFQGRDVTPEDDGAAYWGLT(MSE)GKEGTAPARLPTLDELRAELADARAETLRVFAAKDDAWL
AEPLGPGWANQHWAWFHV(MSE)EDEVNHRGQLRLLRQVLAPEEGG
;
_entity_poly.pdbx_strand_id   A
#
# COMPACT_ATOMS: atom_id res chain seq x y z
N PRO A 3 16.88 4.60 15.41
CA PRO A 3 15.42 4.69 15.62
C PRO A 3 14.60 3.87 14.60
N THR A 4 13.39 3.53 14.98
CA THR A 4 12.43 2.90 14.09
C THR A 4 11.26 3.86 14.02
N PHE A 5 10.41 3.64 13.01
CA PHE A 5 9.18 4.42 12.79
C PHE A 5 8.40 4.74 14.09
N ASN A 6 8.15 6.00 14.33
CA ASN A 6 7.34 6.36 15.50
C ASN A 6 6.06 6.99 14.93
N PRO A 7 4.89 6.35 15.10
CA PRO A 7 3.66 6.89 14.47
C PRO A 7 3.24 8.27 14.92
N GLU A 8 3.69 8.67 16.11
CA GLU A 8 3.41 9.99 16.63
C GLU A 8 4.13 11.13 15.91
N LEU A 9 5.16 10.81 15.14
CA LEU A 9 5.91 11.78 14.33
C LEU A 9 5.36 11.93 12.92
N HIS A 10 4.24 11.27 12.63
CA HIS A 10 3.63 11.29 11.30
C HIS A 10 2.15 11.53 11.44
N ALA A 11 1.50 11.81 10.33
CA ALA A 11 0.04 12.03 10.33
C ALA A 11 -0.64 10.71 10.76
N GLN A 12 -1.62 10.80 11.65
CA GLN A 12 -2.39 9.64 12.12
C GLN A 12 -3.87 9.73 11.76
N THR A 13 -4.26 10.90 11.29
CA THR A 13 -5.63 11.21 10.90
C THR A 13 -5.59 12.27 9.80
N LEU A 14 -6.57 12.24 8.91
CA LEU A 14 -6.81 13.35 7.97
C LEU A 14 -7.45 14.57 8.64
N ASN A 15 -7.92 14.41 9.87
CA ASN A 15 -8.51 15.52 10.59
C ASN A 15 -7.51 16.32 11.42
N SER A 16 -6.36 16.63 10.84
CA SER A 16 -5.31 17.39 11.50
CA SER A 16 -5.33 17.45 11.49
C SER A 16 -4.50 18.11 10.42
N GLU A 17 -3.92 19.25 10.78
CA GLU A 17 -3.04 19.94 9.84
C GLU A 17 -1.78 19.10 9.52
N ARG A 18 -1.39 18.19 10.44
CA ARG A 18 -0.24 17.30 10.20
C ARG A 18 -0.33 16.51 8.89
N ALA A 19 -1.55 16.14 8.48
CA ALA A 19 -1.75 15.32 7.29
C ALA A 19 -1.40 16.11 6.01
N TYR A 20 -1.31 17.45 6.11
CA TYR A 20 -1.14 18.35 4.94
C TYR A 20 0.25 18.99 4.93
N PHE A 21 1.15 18.41 5.71
CA PHE A 21 2.56 18.75 5.72
C PHE A 21 3.34 17.49 5.35
N VAL A 22 4.22 17.62 4.39
CA VAL A 22 5.23 16.58 4.08
C VAL A 22 6.52 17.09 4.71
N GLN A 23 7.00 16.34 5.70
CA GLN A 23 8.13 16.72 6.55
CA GLN A 23 8.13 16.70 6.54
C GLN A 23 9.17 15.58 6.48
N PRO A 24 10.07 15.64 5.51
CA PRO A 24 11.04 14.56 5.28
C PRO A 24 11.96 14.29 6.44
N ASP A 25 12.14 15.29 7.30
CA ASP A 25 12.99 15.11 8.48
CA ASP A 25 12.97 15.25 8.48
C ASP A 25 12.18 14.99 9.79
N ALA A 26 10.91 14.63 9.70
CA ALA A 26 10.06 14.48 10.91
C ALA A 26 10.56 13.40 11.87
N ASP A 27 11.16 12.34 11.31
CA ASP A 27 11.38 11.13 12.05
C ASP A 27 12.87 10.72 11.85
N PRO A 28 13.64 10.64 12.95
CA PRO A 28 15.06 10.29 12.82
C PRO A 28 15.34 8.86 12.33
N ALA A 29 14.30 8.02 12.23
CA ALA A 29 14.43 6.67 11.69
C ALA A 29 14.75 6.67 10.20
N PHE A 30 14.47 7.78 9.52
CA PHE A 30 14.56 7.85 8.05
C PHE A 30 15.48 8.95 7.54
N THR A 31 16.26 8.63 6.53
CA THR A 31 17.02 9.57 5.71
C THR A 31 16.03 10.40 4.83
N PRO A 32 16.46 11.56 4.33
CA PRO A 32 15.50 12.54 3.72
C PRO A 32 14.60 12.09 2.58
N HIS A 33 15.12 11.53 1.50
CA HIS A 33 14.22 11.05 0.44
C HIS A 33 13.31 9.91 0.90
N ILE A 34 13.85 8.99 1.71
CA ILE A 34 13.08 7.92 2.29
C ILE A 34 11.97 8.50 3.21
N GLY A 35 12.32 9.52 3.96
CA GLY A 35 11.38 10.20 4.84
C GLY A 35 10.24 10.79 4.05
N ALA A 36 10.54 11.43 2.94
CA ALA A 36 9.52 12.01 2.07
C ALA A 36 8.60 10.92 1.54
N LEU A 37 9.16 9.78 1.09
CA LEU A 37 8.32 8.64 0.70
C LEU A 37 7.40 8.16 1.78
N VAL A 38 7.91 8.06 2.99
CA VAL A 38 7.11 7.61 4.13
C VAL A 38 5.90 8.53 4.33
N GLU A 39 6.10 9.83 4.22
CA GLU A 39 5.02 10.80 4.36
C GLU A 39 3.97 10.57 3.30
N LEU A 41 3.47 7.80 1.35
CA LEU A 41 2.84 6.51 1.61
C LEU A 41 1.83 6.60 2.74
N THR A 42 2.16 7.32 3.79
CA THR A 42 1.23 7.52 4.91
C THR A 42 -0.06 8.22 4.48
N TYR A 43 0.09 9.31 3.73
CA TYR A 43 -1.04 10.08 3.21
C TYR A 43 -1.91 9.25 2.27
N ALA A 44 -1.28 8.49 1.40
CA ALA A 44 -2.01 7.63 0.51
C ALA A 44 -2.85 6.56 1.29
N ARG A 45 -2.29 6.02 2.34
CA ARG A 45 -2.97 5.00 3.13
C ARG A 45 -4.14 5.60 3.92
N LEU A 46 -3.94 6.78 4.51
CA LEU A 46 -5.00 7.48 5.25
C LEU A 46 -6.19 7.73 4.30
N THR A 47 -5.88 8.12 3.06
CA THR A 47 -6.96 8.44 2.10
C THR A 47 -7.67 7.15 1.57
N THR A 48 -6.93 6.04 1.46
CA THR A 48 -7.53 4.76 1.13
C THR A 48 -8.49 4.34 2.25
N LEU A 49 -8.02 4.42 3.48
CA LEU A 49 -8.88 4.03 4.61
C LEU A 49 -10.10 4.93 4.74
N GLN A 50 -9.96 6.24 4.53
CA GLN A 50 -11.14 7.14 4.57
C GLN A 50 -12.17 6.75 3.52
N ALA A 51 -11.69 6.33 2.35
CA ALA A 51 -12.57 6.01 1.25
C ALA A 51 -13.50 4.83 1.55
N VAL A 52 -13.06 3.90 2.39
CA VAL A 52 -13.80 2.68 2.73
C VAL A 52 -14.37 2.69 4.15
N GLU A 53 -14.08 3.73 4.89
CA GLU A 53 -14.55 3.80 6.28
C GLU A 53 -16.07 3.81 6.32
N GLY A 54 -16.64 2.93 7.15
CA GLY A 54 -18.08 2.83 7.30
C GLY A 54 -18.77 2.03 6.22
N LEU A 55 -18.03 1.43 5.30
CA LEU A 55 -18.66 0.65 4.21
C LEU A 55 -19.52 -0.49 4.76
N PRO A 56 -20.79 -0.62 4.31
CA PRO A 56 -21.59 -1.79 4.67
C PRO A 56 -20.93 -3.03 4.15
N GLU A 57 -20.78 -4.03 5.01
CA GLU A 57 -19.99 -5.18 4.64
C GLU A 57 -20.60 -6.00 3.55
N ASP A 58 -21.91 -5.91 3.39
CA ASP A 58 -22.54 -6.62 2.28
C ASP A 58 -22.18 -6.05 0.93
N GLN A 59 -21.57 -4.85 0.87
CA GLN A 59 -21.11 -4.22 -0.37
CA GLN A 59 -21.14 -4.29 -0.42
C GLN A 59 -19.66 -4.57 -0.77
N LEU A 60 -18.94 -5.27 0.12
CA LEU A 60 -17.51 -5.45 -0.03
C LEU A 60 -17.10 -6.10 -1.35
N TRP A 61 -17.85 -7.13 -1.77
CA TRP A 61 -17.50 -7.87 -3.01
C TRP A 61 -18.40 -7.56 -4.18
N ALA A 62 -19.24 -6.53 -4.04
CA ALA A 62 -20.19 -6.13 -5.08
C ALA A 62 -19.44 -5.44 -6.21
N THR A 63 -19.90 -5.68 -7.44
CA THR A 63 -19.36 -4.99 -8.61
C THR A 63 -20.50 -4.16 -9.23
N ALA A 64 -20.19 -3.39 -10.27
CA ALA A 64 -21.18 -2.60 -10.97
C ALA A 64 -20.71 -2.44 -12.41
N PRO A 65 -21.62 -2.04 -13.32
CA PRO A 65 -21.23 -1.78 -14.73
C PRO A 65 -20.12 -0.75 -14.87
N GLY A 66 -18.98 -1.18 -15.44
CA GLY A 66 -17.76 -0.36 -15.52
C GLY A 66 -16.76 -0.63 -14.42
N PHE A 67 -17.19 -1.37 -13.39
CA PHE A 67 -16.37 -1.65 -12.22
C PHE A 67 -16.27 -3.17 -12.05
N ALA A 68 -15.29 -3.75 -12.74
CA ALA A 68 -15.03 -5.19 -12.70
C ALA A 68 -14.41 -5.64 -11.40
N ASN A 69 -13.73 -4.74 -10.70
CA ASN A 69 -13.09 -5.07 -9.45
C ASN A 69 -13.83 -4.42 -8.29
N SER A 70 -14.31 -5.26 -7.38
CA SER A 70 -15.00 -4.82 -6.18
C SER A 70 -14.07 -4.04 -5.23
N ILE A 71 -14.66 -3.40 -4.23
CA ILE A 71 -13.86 -2.74 -3.19
C ILE A 71 -12.94 -3.71 -2.50
N GLY A 72 -13.43 -4.91 -2.16
CA GLY A 72 -12.56 -5.92 -1.55
C GLY A 72 -11.38 -6.34 -2.42
N THR A 73 -11.67 -6.54 -3.70
CA THR A 73 -10.66 -6.91 -4.67
C THR A 73 -9.56 -5.81 -4.75
N LEU A 74 -9.98 -4.55 -4.81
CA LEU A 74 -9.06 -3.44 -4.86
C LEU A 74 -8.25 -3.31 -3.57
N LEU A 75 -8.88 -3.47 -2.41
CA LEU A 75 -8.10 -3.45 -1.16
C LEU A 75 -7.06 -4.60 -1.10
N ALA A 76 -7.45 -5.78 -1.57
CA ALA A 76 -6.53 -6.94 -1.63
C ALA A 76 -5.36 -6.61 -2.55
N HIS A 77 -5.67 -5.94 -3.65
CA HIS A 77 -4.69 -5.57 -4.66
C HIS A 77 -3.68 -4.58 -4.07
N ILE A 78 -4.18 -3.54 -3.40
CA ILE A 78 -3.30 -2.51 -2.81
C ILE A 78 -2.30 -3.18 -1.88
N ALA A 79 -2.75 -4.06 -0.99
CA ALA A 79 -1.82 -4.73 -0.07
C ALA A 79 -0.83 -5.62 -0.81
N ALA A 80 -1.36 -6.32 -1.81
CA ALA A 80 -0.56 -7.29 -2.56
C ALA A 80 0.54 -6.60 -3.35
N VAL A 81 0.24 -5.43 -3.90
CA VAL A 81 1.30 -4.69 -4.62
C VAL A 81 2.46 -4.36 -3.64
N GLU A 82 2.12 -3.93 -2.44
CA GLU A 82 3.16 -3.69 -1.41
C GLU A 82 3.96 -4.98 -1.10
N ARG A 83 3.27 -6.12 -0.95
CA ARG A 83 3.92 -7.42 -0.71
C ARG A 83 4.83 -7.80 -1.86
N VAL A 84 4.34 -7.60 -3.10
CA VAL A 84 5.13 -7.83 -4.33
C VAL A 84 6.41 -6.98 -4.32
N TYR A 85 6.29 -5.71 -3.96
CA TYR A 85 7.48 -4.86 -3.91
C TYR A 85 8.44 -5.18 -2.75
N HIS A 86 7.97 -5.77 -1.67
CA HIS A 86 8.89 -6.34 -0.67
C HIS A 86 9.81 -7.36 -1.34
N VAL A 87 9.24 -8.22 -2.18
CA VAL A 87 10.05 -9.22 -2.91
C VAL A 87 11.00 -8.58 -3.91
N LEU A 88 10.47 -7.71 -4.77
CA LEU A 88 11.30 -7.07 -5.79
CA LEU A 88 11.30 -7.08 -5.80
C LEU A 88 12.38 -6.16 -5.19
N SER A 89 12.00 -5.39 -4.20
CA SER A 89 12.84 -4.34 -3.69
C SER A 89 13.79 -4.83 -2.59
N PHE A 90 13.24 -5.61 -1.67
CA PHE A 90 13.99 -5.99 -0.48
C PHE A 90 14.67 -7.33 -0.65
N GLN A 91 13.99 -8.29 -1.26
CA GLN A 91 14.61 -9.61 -1.48
C GLN A 91 15.40 -9.69 -2.75
N GLY A 92 15.04 -8.89 -3.73
CA GLY A 92 15.84 -8.72 -4.95
C GLY A 92 15.58 -9.76 -5.99
N ARG A 93 14.36 -10.28 -6.02
CA ARG A 93 14.02 -11.31 -7.04
C ARG A 93 12.67 -11.00 -7.64
N ASP A 94 12.42 -11.56 -8.81
CA ASP A 94 11.10 -11.45 -9.43
C ASP A 94 10.10 -12.27 -8.68
N VAL A 95 8.84 -11.85 -8.72
CA VAL A 95 7.75 -12.61 -8.10
C VAL A 95 7.21 -13.60 -9.13
N THR A 96 6.77 -14.75 -8.65
CA THR A 96 6.15 -15.77 -9.52
C THR A 96 4.87 -16.28 -8.84
N PRO A 97 3.91 -16.82 -9.62
CA PRO A 97 2.75 -17.48 -8.97
C PRO A 97 3.12 -18.70 -8.14
N GLU A 98 4.24 -19.35 -8.49
CA GLU A 98 4.75 -20.48 -7.75
C GLU A 98 5.28 -20.11 -6.38
N ASP A 99 6.07 -19.05 -6.31
CA ASP A 99 6.73 -18.68 -5.08
C ASP A 99 5.93 -17.67 -4.23
N ASP A 100 5.08 -16.90 -4.88
CA ASP A 100 4.38 -15.76 -4.26
C ASP A 100 2.86 -15.83 -4.57
N GLY A 101 2.28 -17.01 -4.42
CA GLY A 101 0.89 -17.26 -4.86
C GLY A 101 -0.19 -16.33 -4.29
N ALA A 102 -0.16 -16.07 -2.99
CA ALA A 102 -1.14 -15.14 -2.39
C ALA A 102 -1.00 -13.70 -2.89
N ALA A 103 0.23 -13.20 -2.90
CA ALA A 103 0.49 -11.89 -3.45
C ALA A 103 0.10 -11.81 -4.92
N TYR A 104 0.37 -12.86 -5.67
CA TYR A 104 0.06 -12.89 -7.10
C TYR A 104 -1.47 -12.82 -7.36
N TRP A 105 -2.24 -13.43 -6.48
CA TRP A 105 -3.70 -13.39 -6.55
C TRP A 105 -4.21 -11.97 -6.36
N GLY A 106 -3.76 -11.32 -5.30
CA GLY A 106 -4.05 -9.88 -5.09
C GLY A 106 -3.62 -8.99 -6.26
N LEU A 107 -2.39 -9.20 -6.71
CA LEU A 107 -1.80 -8.44 -7.79
C LEU A 107 -2.70 -8.48 -9.04
N THR A 108 -3.21 -9.66 -9.36
CA THR A 108 -3.93 -9.90 -10.61
C THR A 108 -5.45 -9.86 -10.50
N GLY A 110 -7.36 -11.39 -8.59
CA GLY A 110 -7.93 -12.71 -8.36
C GLY A 110 -7.86 -13.61 -9.58
N LYS A 111 -7.26 -13.19 -10.68
CA LYS A 111 -7.31 -13.98 -11.93
C LYS A 111 -6.23 -15.08 -12.01
N GLU A 112 -5.09 -14.85 -11.36
CA GLU A 112 -4.01 -15.82 -11.28
C GLU A 112 -3.63 -16.01 -9.80
N GLY A 113 -2.65 -16.88 -9.56
CA GLY A 113 -2.10 -17.00 -8.22
C GLY A 113 -2.97 -17.91 -7.39
N THR A 114 -2.82 -17.82 -6.08
CA THR A 114 -3.49 -18.71 -5.14
C THR A 114 -4.52 -17.96 -4.33
N ALA A 115 -5.80 -18.31 -4.54
CA ALA A 115 -6.89 -17.66 -3.79
C ALA A 115 -6.88 -18.11 -2.31
N PRO A 116 -7.39 -17.25 -1.42
CA PRO A 116 -7.52 -17.66 0.00
C PRO A 116 -8.60 -18.71 0.14
N ALA A 117 -8.59 -19.42 1.26
CA ALA A 117 -9.57 -20.42 1.57
C ALA A 117 -10.97 -19.82 1.57
N ARG A 118 -11.12 -18.68 2.24
CA ARG A 118 -12.34 -17.88 2.17
C ARG A 118 -11.95 -16.41 1.99
N LEU A 119 -12.87 -15.62 1.48
CA LEU A 119 -12.57 -14.22 1.27
C LEU A 119 -12.44 -13.51 2.61
N PRO A 120 -11.52 -12.56 2.70
CA PRO A 120 -11.32 -11.79 3.92
C PRO A 120 -12.46 -10.82 4.18
N THR A 121 -12.68 -10.51 5.46
CA THR A 121 -13.61 -9.44 5.81
C THR A 121 -12.93 -8.07 5.63
N LEU A 122 -13.71 -7.00 5.72
CA LEU A 122 -13.14 -5.67 5.63
C LEU A 122 -12.07 -5.48 6.70
N ASP A 123 -12.34 -5.94 7.95
CA ASP A 123 -11.31 -5.80 9.00
C ASP A 123 -10.05 -6.56 8.69
N GLU A 124 -10.19 -7.74 8.11
CA GLU A 124 -9.00 -8.51 7.74
C GLU A 124 -8.21 -7.83 6.62
N LEU A 125 -8.92 -7.25 5.65
CA LEU A 125 -8.30 -6.52 4.57
C LEU A 125 -7.48 -5.35 5.11
N ARG A 126 -8.06 -4.61 6.06
CA ARG A 126 -7.34 -3.47 6.69
C ARG A 126 -6.14 -3.96 7.54
N ALA A 127 -6.29 -5.09 8.21
CA ALA A 127 -5.17 -5.69 8.96
C ALA A 127 -4.04 -6.08 8.02
N GLU A 128 -4.38 -6.65 6.87
CA GLU A 128 -3.32 -7.02 5.93
C GLU A 128 -2.65 -5.77 5.35
N LEU A 129 -3.42 -4.72 5.02
CA LEU A 129 -2.84 -3.43 4.62
C LEU A 129 -1.82 -2.92 5.67
N ALA A 130 -2.21 -2.96 6.94
CA ALA A 130 -1.35 -2.47 8.02
C ALA A 130 -0.10 -3.33 8.19
N ASP A 131 -0.28 -4.64 8.09
CA ASP A 131 0.84 -5.57 8.22
C ASP A 131 1.86 -5.39 7.09
N ALA A 132 1.37 -5.25 5.87
CA ALA A 132 2.26 -4.97 4.74
C ALA A 132 3.05 -3.68 4.97
N ARG A 133 2.34 -2.62 5.38
CA ARG A 133 2.98 -1.32 5.61
C ARG A 133 4.02 -1.42 6.75
N ALA A 134 3.72 -2.17 7.81
CA ALA A 134 4.67 -2.30 8.93
C ALA A 134 6.03 -2.82 8.44
N GLU A 135 5.98 -3.77 7.51
CA GLU A 135 7.18 -4.40 6.98
C GLU A 135 7.97 -3.41 6.11
N THR A 136 7.26 -2.61 5.34
CA THR A 136 7.89 -1.58 4.55
C THR A 136 8.67 -0.62 5.45
N LEU A 137 8.03 -0.14 6.51
CA LEU A 137 8.63 0.87 7.39
C LEU A 137 9.79 0.30 8.20
N ARG A 138 9.71 -0.99 8.56
CA ARG A 138 10.81 -1.71 9.21
C ARG A 138 12.06 -1.63 8.34
N VAL A 139 11.93 -2.04 7.08
CA VAL A 139 13.03 -2.04 6.17
C VAL A 139 13.54 -0.64 5.82
N PHE A 140 12.63 0.29 5.55
CA PHE A 140 13.03 1.70 5.28
C PHE A 140 13.96 2.27 6.38
N ALA A 141 13.72 1.91 7.64
CA ALA A 141 14.56 2.43 8.74
C ALA A 141 16.00 1.89 8.68
N ALA A 142 16.19 0.78 7.96
CA ALA A 142 17.50 0.16 7.80
C ALA A 142 18.31 0.70 6.61
N LYS A 143 17.66 1.43 5.71
CA LYS A 143 18.26 1.87 4.44
C LYS A 143 18.62 3.36 4.45
N ASP A 144 19.37 3.80 3.44
CA ASP A 144 19.67 5.21 3.28
C ASP A 144 19.38 5.66 1.86
N ASP A 145 19.62 6.94 1.58
CA ASP A 145 19.17 7.49 0.33
C ASP A 145 20.04 6.96 -0.82
N ALA A 146 21.27 6.53 -0.53
CA ALA A 146 22.08 5.89 -1.56
C ALA A 146 21.41 4.62 -2.05
N TRP A 147 20.82 3.87 -1.12
CA TRP A 147 20.10 2.66 -1.49
C TRP A 147 18.92 3.00 -2.42
N LEU A 148 18.23 4.09 -2.13
CA LEU A 148 17.07 4.50 -2.90
C LEU A 148 17.43 4.80 -4.37
N ALA A 149 18.67 5.18 -4.62
CA ALA A 149 19.11 5.41 -5.95
C ALA A 149 19.49 4.13 -6.73
N GLU A 150 19.56 3.00 -6.08
CA GLU A 150 20.07 1.79 -6.74
C GLU A 150 19.03 1.23 -7.69
N PRO A 151 19.47 0.63 -8.81
CA PRO A 151 18.54 -0.23 -9.55
C PRO A 151 18.05 -1.36 -8.70
N LEU A 152 16.82 -1.78 -8.95
CA LEU A 152 16.31 -3.02 -8.43
C LEU A 152 17.17 -4.18 -8.86
N GLY A 153 17.29 -5.19 -8.00
CA GLY A 153 18.05 -6.40 -8.36
C GLY A 153 17.54 -7.02 -9.65
N PRO A 154 16.22 -7.23 -9.80
CA PRO A 154 15.70 -7.77 -11.10
C PRO A 154 15.69 -6.77 -12.28
N GLY A 155 16.18 -5.55 -12.04
CA GLY A 155 16.30 -4.53 -13.04
C GLY A 155 15.06 -3.74 -13.37
N TRP A 156 15.27 -2.82 -14.31
CA TRP A 156 14.21 -2.12 -15.04
C TRP A 156 13.60 -0.91 -14.31
N ALA A 157 14.08 -0.64 -13.10
CA ALA A 157 13.60 0.51 -12.31
C ALA A 157 14.57 0.74 -11.21
N ASN A 158 14.46 1.87 -10.55
CA ASN A 158 15.22 2.04 -9.32
C ASN A 158 14.35 1.93 -8.07
N GLN A 159 15.01 1.83 -6.94
CA GLN A 159 14.32 1.69 -5.66
C GLN A 159 13.37 2.88 -5.40
N HIS A 160 13.82 4.08 -5.76
CA HIS A 160 13.03 5.29 -5.55
C HIS A 160 11.69 5.21 -6.34
N TRP A 161 11.79 4.87 -7.61
CA TRP A 161 10.60 4.66 -8.42
C TRP A 161 9.67 3.56 -7.89
N ALA A 162 10.24 2.43 -7.47
CA ALA A 162 9.46 1.28 -6.99
C ALA A 162 8.53 1.69 -5.87
N TRP A 163 9.07 2.44 -4.91
CA TRP A 163 8.28 2.80 -3.73
C TRP A 163 7.30 3.95 -4.04
N PHE A 164 7.72 4.87 -4.90
CA PHE A 164 6.80 5.84 -5.50
C PHE A 164 5.62 5.12 -6.15
N HIS A 165 5.92 4.06 -6.90
CA HIS A 165 4.89 3.33 -7.66
C HIS A 165 3.89 2.64 -6.71
N VAL A 166 4.38 2.08 -5.62
CA VAL A 166 3.49 1.45 -4.63
C VAL A 166 2.46 2.52 -4.14
N GLU A 168 1.64 5.47 -5.73
CA GLU A 168 0.89 6.00 -6.87
C GLU A 168 -0.19 5.00 -7.29
N ASP A 169 0.14 3.72 -7.31
CA ASP A 169 -0.90 2.75 -7.68
C ASP A 169 -2.02 2.68 -6.66
N GLU A 170 -1.68 2.81 -5.36
CA GLU A 170 -2.70 2.89 -4.33
C GLU A 170 -3.70 4.04 -4.61
N VAL A 171 -3.15 5.22 -4.93
CA VAL A 171 -3.95 6.41 -5.18
C VAL A 171 -4.83 6.22 -6.42
N ASN A 172 -4.24 5.60 -7.47
CA ASN A 172 -4.97 5.25 -8.68
C ASN A 172 -6.21 4.44 -8.35
N HIS A 173 -6.03 3.39 -7.55
CA HIS A 173 -7.16 2.52 -7.22
C HIS A 173 -8.10 3.13 -6.20
N ARG A 174 -7.56 4.00 -5.33
CA ARG A 174 -8.44 4.76 -4.43
C ARG A 174 -9.37 5.71 -5.21
N GLY A 175 -8.93 6.22 -6.35
CA GLY A 175 -9.84 7.02 -7.18
C GLY A 175 -11.04 6.22 -7.67
N GLN A 176 -10.74 4.95 -8.01
CA GLN A 176 -11.73 3.95 -8.44
C GLN A 176 -12.66 3.56 -7.31
N LEU A 177 -12.07 3.34 -6.12
CA LEU A 177 -12.83 3.02 -4.92
C LEU A 177 -13.85 4.10 -4.63
N ARG A 178 -13.44 5.37 -4.75
CA ARG A 178 -14.36 6.48 -4.48
C ARG A 178 -15.61 6.41 -5.33
N LEU A 179 -15.43 6.16 -6.62
CA LEU A 179 -16.58 6.08 -7.54
C LEU A 179 -17.42 4.84 -7.31
N LEU A 180 -16.79 3.68 -7.06
CA LEU A 180 -17.54 2.46 -6.82
C LEU A 180 -18.41 2.57 -5.56
N ARG A 181 -17.84 3.10 -4.48
CA ARG A 181 -18.61 3.21 -3.26
C ARG A 181 -19.85 4.06 -3.48
N GLN A 182 -19.68 5.14 -4.25
CA GLN A 182 -20.78 6.07 -4.57
C GLN A 182 -21.89 5.39 -5.41
N VAL A 183 -21.52 4.56 -6.37
CA VAL A 183 -22.47 3.74 -7.13
C VAL A 183 -23.24 2.77 -6.25
N LEU A 184 -22.57 2.11 -5.32
CA LEU A 184 -23.17 1.02 -4.55
C LEU A 184 -24.01 1.53 -3.39
N ALA A 185 -23.74 2.77 -3.02
CA ALA A 185 -24.11 3.25 -1.72
C ALA A 185 -24.61 4.67 -1.90
#